data_7JUH
#
_entry.id   7JUH
#
_cell.length_a   31.922
_cell.length_b   59.040
_cell.length_c   34.846
_cell.angle_alpha   90.000
_cell.angle_beta   114.480
_cell.angle_gamma   90.000
#
_symmetry.space_group_name_H-M   'P 1 21 1'
#
loop_
_entity.id
_entity.type
_entity.pdbx_description
1 polymer 'Macrophage mannose receptor 1'
2 non-polymer 'CALCIUM ION'
3 non-polymer alpha-D-mannopyranose
4 water water
#
_entity_poly.entity_id   1
_entity_poly.type   'polypeptide(L)'
_entity_poly.pdbx_seq_one_letter_code
;ACPEDWGASSRTSLCFKLYAKGKHEKKTWFESRDFCRALGGDLASINNKEEQQTIWRLITASGSYHKLFWLGLTYGSPSE
GFTWSDGSPVSYENWAYGEPNNYQNVEYCGELKGDPTMSWNDINCEHLNNWICQI
;
_entity_poly.pdbx_strand_id   A
#
loop_
_chem_comp.id
_chem_comp.type
_chem_comp.name
_chem_comp.formula
CA non-polymer 'CALCIUM ION' 'Ca 2'
MAN D-saccharide, alpha linking alpha-D-mannopyranose 'C6 H12 O6'
#
# COMPACT_ATOMS: atom_id res chain seq x y z
N SER A 13 4.06 -17.42 8.11
CA SER A 13 3.65 -16.75 6.89
C SER A 13 2.30 -16.05 7.07
N LEU A 14 2.20 -14.84 6.57
CA LEU A 14 0.96 -14.08 6.64
C LEU A 14 0.18 -14.25 5.33
N CYS A 15 -1.08 -13.85 5.36
CA CYS A 15 -1.95 -13.91 4.19
C CYS A 15 -2.43 -12.52 3.85
N PHE A 16 -2.36 -12.16 2.57
CA PHE A 16 -2.83 -10.86 2.14
C PHE A 16 -4.35 -10.89 1.97
N LYS A 17 -4.99 -9.78 2.32
CA LYS A 17 -6.44 -9.64 2.20
C LYS A 17 -6.77 -8.27 1.62
N LEU A 18 -7.53 -8.27 0.54
CA LEU A 18 -7.92 -7.04 -0.15
C LEU A 18 -9.17 -6.46 0.47
N TYR A 19 -9.16 -5.15 0.69
CA TYR A 19 -10.34 -4.42 1.12
C TYR A 19 -10.61 -3.36 0.06
N ALA A 20 -11.48 -3.70 -0.90
CA ALA A 20 -11.89 -2.83 -2.00
C ALA A 20 -13.33 -2.43 -1.71
N LYS A 21 -13.54 -1.16 -1.40
CA LYS A 21 -14.82 -0.72 -0.84
C LYS A 21 -15.29 0.56 -1.52
N GLY A 22 -16.55 0.89 -1.28
CA GLY A 22 -17.07 2.17 -1.71
C GLY A 22 -16.50 3.30 -0.87
N LYS A 23 -16.72 4.52 -1.34
CA LYS A 23 -16.11 5.70 -0.73
C LYS A 23 -16.44 5.79 0.76
N HIS A 24 -17.67 5.40 1.14
CA HIS A 24 -18.07 5.50 2.54
C HIS A 24 -17.26 4.59 3.46
N GLU A 25 -16.68 3.51 2.92
CA GLU A 25 -15.87 2.61 3.73
C GLU A 25 -14.37 2.81 3.56
N LYS A 26 -13.94 3.63 2.60
CA LYS A 26 -12.51 3.88 2.44
C LYS A 26 -11.94 4.56 3.68
N LYS A 27 -10.62 4.40 3.88
CA LYS A 27 -9.96 4.81 5.11
C LYS A 27 -8.69 5.60 4.80
N THR A 28 -8.28 6.44 5.76
CA THR A 28 -6.97 7.08 5.66
C THR A 28 -5.88 6.02 5.87
N TRP A 29 -4.63 6.41 5.61
CA TRP A 29 -3.53 5.47 5.83
C TRP A 29 -3.49 5.02 7.28
N PHE A 30 -3.62 5.95 8.22
CA PHE A 30 -3.54 5.60 9.64
C PHE A 30 -4.72 4.75 10.07
N GLU A 31 -5.92 5.05 9.57
CA GLU A 31 -7.09 4.22 9.89
C GLU A 31 -6.92 2.81 9.34
N SER A 32 -6.34 2.70 8.15
CA SER A 32 -6.13 1.38 7.56
C SER A 32 -5.10 0.59 8.35
N ARG A 33 -4.00 1.24 8.73
CA ARG A 33 -3.01 0.59 9.58
C ARG A 33 -3.65 0.09 10.88
N ASP A 34 -4.42 0.97 11.54
CA ASP A 34 -5.04 0.60 12.80
C ASP A 34 -6.04 -0.54 12.62
N PHE A 35 -6.78 -0.53 11.51
CA PHE A 35 -7.73 -1.60 11.22
C PHE A 35 -7.01 -2.94 11.10
N CYS A 36 -5.93 -2.99 10.31
CA CYS A 36 -5.23 -4.25 10.12
C CYS A 36 -4.59 -4.73 11.43
N ARG A 37 -4.06 -3.79 12.22
CA ARG A 37 -3.48 -4.17 13.52
C ARG A 37 -4.55 -4.70 14.48
N ALA A 38 -5.76 -4.14 14.43
CA ALA A 38 -6.84 -4.64 15.29
C ALA A 38 -7.18 -6.09 14.97
N LEU A 39 -6.88 -6.55 13.75
CA LEU A 39 -7.10 -7.94 13.36
C LEU A 39 -5.87 -8.82 13.64
N GLY A 40 -4.81 -8.25 14.21
CA GLY A 40 -3.60 -8.99 14.50
C GLY A 40 -2.56 -8.95 13.41
N GLY A 41 -2.75 -8.13 12.40
CA GLY A 41 -1.79 -8.01 11.33
C GLY A 41 -1.29 -6.59 11.14
N ASP A 42 -1.16 -6.17 9.89
CA ASP A 42 -0.67 -4.84 9.57
C ASP A 42 -1.02 -4.56 8.11
N LEU A 43 -0.79 -3.33 7.67
CA LEU A 43 -0.85 -3.07 6.24
C LEU A 43 0.19 -3.91 5.50
N ALA A 44 -0.13 -4.32 4.28
CA ALA A 44 0.74 -5.20 3.52
C ALA A 44 2.07 -4.54 3.19
N SER A 45 3.15 -5.31 3.33
CA SER A 45 4.47 -4.96 2.86
C SER A 45 4.83 -5.81 1.66
N ILE A 46 5.38 -5.18 0.62
CA ILE A 46 5.80 -5.88 -0.60
C ILE A 46 7.31 -5.82 -0.66
N ASN A 47 7.97 -6.90 -0.26
CA ASN A 47 9.42 -6.89 -0.05
C ASN A 47 10.20 -7.53 -1.19
N ASN A 48 9.52 -8.04 -2.21
CA ASN A 48 10.19 -8.66 -3.34
C ASN A 48 9.16 -8.87 -4.44
N LYS A 49 9.66 -9.29 -5.61
CA LYS A 49 8.79 -9.48 -6.77
C LYS A 49 7.77 -10.58 -6.54
N GLU A 50 8.12 -11.60 -5.74
CA GLU A 50 7.19 -12.69 -5.49
C GLU A 50 5.96 -12.22 -4.74
N GLU A 51 6.14 -11.39 -3.71
CA GLU A 51 5.00 -10.86 -2.98
C GLU A 51 4.12 -10.00 -3.88
N GLN A 52 4.75 -9.23 -4.76
CA GLN A 52 3.99 -8.42 -5.72
C GLN A 52 3.12 -9.31 -6.60
N GLN A 53 3.69 -10.42 -7.08
CA GLN A 53 2.92 -11.34 -7.91
C GLN A 53 1.77 -11.97 -7.13
N THR A 54 2.00 -12.30 -5.86
CA THR A 54 0.92 -12.85 -5.04
C THR A 54 -0.24 -11.87 -4.95
N ILE A 55 0.04 -10.59 -4.73
CA ILE A 55 -1.06 -9.61 -4.61
C ILE A 55 -1.75 -9.39 -5.95
N TRP A 56 -0.98 -9.32 -7.05
CA TRP A 56 -1.63 -9.20 -8.36
C TRP A 56 -2.56 -10.38 -8.62
N ARG A 57 -2.09 -11.59 -8.33
CA ARG A 57 -2.95 -12.74 -8.52
CA ARG A 57 -2.94 -12.77 -8.50
C ARG A 57 -4.19 -12.66 -7.64
N LEU A 58 -4.04 -12.14 -6.41
CA LEU A 58 -5.19 -11.95 -5.53
C LEU A 58 -6.17 -10.93 -6.11
N ILE A 59 -5.64 -9.88 -6.75
CA ILE A 59 -6.50 -8.91 -7.43
C ILE A 59 -7.28 -9.57 -8.57
N THR A 60 -6.61 -10.39 -9.39
CA THR A 60 -7.34 -11.07 -10.46
C THR A 60 -8.38 -12.04 -9.91
N ALA A 61 -8.07 -12.69 -8.78
CA ALA A 61 -8.99 -13.70 -8.25
C ALA A 61 -10.29 -13.07 -7.78
N SER A 62 -10.24 -11.83 -7.29
CA SER A 62 -11.42 -11.14 -6.81
C SER A 62 -12.05 -10.24 -7.84
N GLY A 63 -11.43 -10.09 -9.01
CA GLY A 63 -11.95 -9.20 -10.02
C GLY A 63 -11.92 -7.75 -9.64
N SER A 64 -11.07 -7.37 -8.69
CA SER A 64 -11.06 -6.02 -8.12
C SER A 64 -10.09 -5.14 -8.92
N TYR A 65 -10.44 -4.90 -10.17
CA TYR A 65 -9.58 -4.19 -11.11
C TYR A 65 -9.78 -2.67 -11.01
N HIS A 66 -8.77 -1.94 -11.49
CA HIS A 66 -8.80 -0.47 -11.60
C HIS A 66 -8.96 0.21 -10.25
N LYS A 67 -8.29 -0.33 -9.23
CA LYS A 67 -8.38 0.22 -7.89
C LYS A 67 -7.02 0.66 -7.40
N LEU A 68 -7.03 1.59 -6.43
CA LEU A 68 -5.86 2.02 -5.70
C LEU A 68 -5.99 1.53 -4.25
N PHE A 69 -4.87 1.11 -3.67
CA PHE A 69 -4.87 0.50 -2.34
C PHE A 69 -3.73 1.06 -1.50
N TRP A 70 -4.02 1.41 -0.25
CA TRP A 70 -2.93 1.65 0.67
C TRP A 70 -2.10 0.39 0.87
N LEU A 71 -0.79 0.56 0.90
CA LEU A 71 0.17 -0.40 1.42
C LEU A 71 0.78 0.18 2.69
N GLY A 72 1.62 -0.62 3.34
CA GLY A 72 2.27 -0.19 4.57
C GLY A 72 3.41 0.79 4.40
N LEU A 73 3.51 1.46 3.25
CA LEU A 73 4.63 2.35 2.94
C LEU A 73 4.44 3.70 3.58
N THR A 74 5.44 4.17 4.33
CA THR A 74 5.37 5.52 4.87
C THR A 74 6.77 6.09 4.95
N TYR A 75 6.88 7.39 4.73
CA TYR A 75 8.18 8.03 4.70
C TYR A 75 8.80 8.01 6.09
N GLY A 76 10.07 7.60 6.16
CA GLY A 76 10.79 7.61 7.41
C GLY A 76 11.57 8.89 7.63
N SER A 77 12.72 9.02 6.94
CA SER A 77 13.63 10.14 7.13
C SER A 77 14.70 10.10 6.05
N PRO A 78 15.53 11.13 5.92
CA PRO A 78 16.56 11.10 4.87
C PRO A 78 17.54 9.94 5.02
N SER A 79 17.85 9.53 6.25
CA SER A 79 18.81 8.44 6.46
C SER A 79 18.16 7.06 6.36
N GLU A 80 16.84 6.98 6.42
CA GLU A 80 16.12 5.73 6.28
C GLU A 80 15.45 5.54 4.93
N GLY A 81 15.02 6.63 4.29
CA GLY A 81 14.14 6.52 3.14
C GLY A 81 12.71 6.20 3.57
N PHE A 82 11.96 5.57 2.67
CA PHE A 82 10.64 5.08 3.04
C PHE A 82 10.78 3.83 3.90
N THR A 83 9.74 3.53 4.66
CA THR A 83 9.72 2.37 5.55
C THR A 83 8.40 1.63 5.40
N TRP A 84 8.39 0.37 5.87
CA TRP A 84 7.17 -0.42 5.97
C TRP A 84 6.65 -0.39 7.39
N SER A 85 5.31 -0.30 7.53
CA SER A 85 4.72 -0.23 8.86
C SER A 85 4.98 -1.50 9.67
N ASP A 86 5.18 -2.64 8.99
CA ASP A 86 5.47 -3.88 9.71
C ASP A 86 6.92 -4.02 10.13
N GLY A 87 7.76 -3.03 9.83
CA GLY A 87 9.15 -3.06 10.21
C GLY A 87 10.08 -3.79 9.25
N SER A 88 9.54 -4.46 8.23
CA SER A 88 10.39 -5.15 7.29
C SER A 88 11.14 -4.13 6.42
N PRO A 89 12.29 -4.50 5.88
CA PRO A 89 13.10 -3.53 5.14
C PRO A 89 12.47 -3.17 3.80
N VAL A 90 12.66 -1.91 3.40
CA VAL A 90 12.29 -1.50 2.05
C VAL A 90 13.47 -1.81 1.15
N SER A 91 13.66 -3.07 0.83
CA SER A 91 14.69 -3.45 -0.14
C SER A 91 14.14 -3.26 -1.55
N TYR A 92 13.13 -4.04 -1.90
CA TYR A 92 12.49 -3.93 -3.22
C TYR A 92 11.71 -2.63 -3.32
N GLU A 93 11.74 -2.03 -4.50
CA GLU A 93 10.94 -0.84 -4.79
C GLU A 93 10.30 -0.99 -6.16
N ASN A 94 9.09 -0.44 -6.30
CA ASN A 94 8.41 -0.46 -7.60
C ASN A 94 7.66 0.86 -7.81
N TRP A 95 8.34 1.98 -7.62
CA TRP A 95 7.71 3.27 -7.81
C TRP A 95 7.37 3.49 -9.28
N ALA A 96 6.22 4.11 -9.52
CA ALA A 96 5.87 4.55 -10.87
C ALA A 96 6.86 5.60 -11.36
N TYR A 97 6.89 5.77 -12.68
CA TYR A 97 7.72 6.80 -13.29
C TYR A 97 7.39 8.16 -12.69
N GLY A 98 8.41 8.92 -12.31
CA GLY A 98 8.18 10.22 -11.71
C GLY A 98 7.75 10.20 -10.25
N GLU A 99 7.82 9.05 -9.59
CA GLU A 99 7.44 8.90 -8.19
C GLU A 99 8.60 8.27 -7.44
N PRO A 100 8.73 8.53 -6.13
CA PRO A 100 7.87 9.42 -5.33
C PRO A 100 8.22 10.88 -5.63
N ASN A 101 7.22 11.74 -5.69
CA ASN A 101 7.45 13.13 -6.04
C ASN A 101 7.08 14.12 -4.94
N ASN A 102 6.59 13.62 -3.81
CA ASN A 102 6.15 14.46 -2.69
C ASN A 102 5.41 15.70 -3.19
N TYR A 103 4.33 15.46 -3.94
CA TYR A 103 3.61 16.54 -4.59
C TYR A 103 3.12 17.56 -3.57
N GLN A 104 3.52 18.81 -3.76
CA GLN A 104 3.16 19.92 -2.89
C GLN A 104 3.66 19.74 -1.46
N ASN A 105 4.64 18.86 -1.27
CA ASN A 105 5.28 18.59 0.01
C ASN A 105 4.36 17.97 1.05
N VAL A 106 3.29 17.29 0.63
CA VAL A 106 2.31 16.75 1.59
C VAL A 106 2.05 15.27 1.38
N GLU A 107 2.92 14.56 0.66
CA GLU A 107 2.68 13.15 0.33
C GLU A 107 3.70 12.27 1.07
N TYR A 108 3.27 11.64 2.17
CA TYR A 108 4.16 10.84 2.99
C TYR A 108 3.76 9.38 3.12
N CYS A 109 2.73 8.94 2.39
CA CYS A 109 2.29 7.55 2.45
C CYS A 109 2.26 6.96 1.04
N GLY A 110 2.31 5.63 0.95
CA GLY A 110 2.41 4.95 -0.33
C GLY A 110 1.17 4.15 -0.68
N GLU A 111 0.72 4.29 -1.92
CA GLU A 111 -0.41 3.53 -2.44
C GLU A 111 0.03 2.67 -3.63
N LEU A 112 -0.69 1.58 -3.81
CA LEU A 112 -0.51 0.66 -4.92
C LEU A 112 -1.54 0.95 -6.00
N LYS A 113 -1.09 1.08 -7.24
CA LYS A 113 -2.00 1.08 -8.38
C LYS A 113 -2.20 -0.37 -8.81
N GLY A 114 -3.39 -0.89 -8.55
CA GLY A 114 -3.66 -2.31 -8.74
C GLY A 114 -3.92 -2.74 -10.16
N ASP A 115 -2.99 -2.42 -11.06
CA ASP A 115 -3.03 -2.91 -12.44
C ASP A 115 -1.83 -3.83 -12.62
N PRO A 116 -1.62 -4.45 -13.79
CA PRO A 116 -0.51 -5.42 -13.93
C PRO A 116 0.85 -4.87 -13.57
N THR A 117 1.09 -3.57 -13.73
CA THR A 117 2.40 -2.99 -13.41
C THR A 117 2.65 -2.94 -11.91
N MET A 118 1.58 -2.88 -11.11
CA MET A 118 1.67 -2.92 -9.65
C MET A 118 2.56 -1.80 -9.10
N SER A 119 2.49 -0.62 -9.72
CA SER A 119 3.39 0.46 -9.38
CA SER A 119 3.40 0.46 -9.38
C SER A 119 2.92 1.23 -8.14
N TRP A 120 3.85 1.93 -7.51
CA TRP A 120 3.60 2.67 -6.29
C TRP A 120 3.63 4.17 -6.53
N ASN A 121 2.82 4.90 -5.76
CA ASN A 121 2.78 6.34 -5.79
C ASN A 121 2.71 6.86 -4.37
N ASP A 122 3.46 7.92 -4.06
CA ASP A 122 3.28 8.59 -2.78
C ASP A 122 2.10 9.55 -2.86
N ILE A 123 1.31 9.59 -1.78
CA ILE A 123 0.11 10.41 -1.75
C ILE A 123 -0.12 10.87 -0.31
N ASN A 124 -0.96 11.89 -0.16
CA ASN A 124 -1.27 12.41 1.16
CA ASN A 124 -1.27 12.41 1.16
C ASN A 124 -1.92 11.33 2.03
N CYS A 125 -1.40 11.17 3.25
CA CYS A 125 -1.85 10.12 4.17
C CYS A 125 -3.30 10.25 4.58
N GLU A 126 -3.88 11.45 4.47
CA GLU A 126 -5.29 11.64 4.83
C GLU A 126 -6.25 11.31 3.70
N HIS A 127 -5.74 10.93 2.52
CA HIS A 127 -6.60 10.50 1.44
CA HIS A 127 -6.59 10.49 1.43
C HIS A 127 -7.34 9.22 1.85
N LEU A 128 -8.58 9.10 1.40
CA LEU A 128 -9.36 7.90 1.65
C LEU A 128 -9.11 6.90 0.54
N ASN A 129 -8.69 5.68 0.90
CA ASN A 129 -8.33 4.69 -0.08
C ASN A 129 -8.85 3.32 0.37
N ASN A 130 -8.88 2.40 -0.58
CA ASN A 130 -8.93 0.97 -0.28
C ASN A 130 -7.64 0.58 0.43
N TRP A 131 -7.53 -0.67 0.88
CA TRP A 131 -6.29 -1.06 1.55
C TRP A 131 -6.11 -2.56 1.44
N ILE A 132 -4.88 -3.00 1.73
CA ILE A 132 -4.54 -4.42 1.76
C ILE A 132 -3.90 -4.71 3.10
N CYS A 133 -4.46 -5.67 3.83
CA CYS A 133 -3.85 -6.12 5.06
C CYS A 133 -3.03 -7.38 4.79
N GLN A 134 -2.09 -7.63 5.69
CA GLN A 134 -1.51 -8.95 5.86
C GLN A 134 -1.94 -9.45 7.23
N ILE A 135 -2.55 -10.64 7.26
CA ILE A 135 -3.12 -11.16 8.50
C ILE A 135 -2.50 -12.51 8.83
CA CA B . 3.02 11.26 -5.74
CA CA C . 6.09 -8.60 3.00
C1 MAN D . -0.92 13.15 -9.68
C1 MAN D . -1.51 13.45 -8.62
C2 MAN D . 0.61 12.97 -9.55
C2 MAN D . -1.24 12.70 -7.31
C3 MAN D . 0.93 12.14 -8.31
C3 MAN D . 0.28 12.59 -7.08
C4 MAN D . 0.25 12.68 -7.07
C4 MAN D . 0.96 12.00 -8.31
C5 MAN D . -1.27 12.78 -7.30
C5 MAN D . 0.62 12.85 -9.55
C6 MAN D . -2.00 13.42 -6.13
C6 MAN D . 1.21 12.29 -10.84
O1 MAN D . -1.40 11.90 -10.12
O1 MAN D . -1.16 14.79 -8.38
O2 MAN D . 1.26 14.23 -9.35
O2 MAN D . -1.71 11.36 -7.37
O3 MAN D . 2.33 12.08 -8.04
O3 MAN D . 0.59 11.80 -5.94
O4 MAN D . 0.54 11.81 -6.00
O4 MAN D . 2.37 11.99 -8.08
O5 MAN D . -1.52 13.60 -8.47
O5 MAN D . -0.81 12.90 -9.71
O6 MAN D . -3.39 13.41 -6.42
O6 MAN D . 0.95 13.23 -11.88
#